data_1YUN
#
_entry.id   1YUN
#
_cell.length_a   65.189
_cell.length_b   65.199
_cell.length_c   110.121
_cell.angle_alpha   90.00
_cell.angle_beta   90.00
_cell.angle_gamma   90.00
#
_symmetry.space_group_name_H-M   'P 2 2 21'
#
loop_
_entity.id
_entity.type
_entity.pdbx_description
1 polymer 'Probable nicotinate-nucleotide adenylyltransferase'
2 non-polymer "ADENOSINE-5'-TRIPHOSPHATE"
3 non-polymer 'MAGNESIUM ION'
4 water water
#
_entity_poly.entity_id   1
_entity_poly.type   'polypeptide(L)'
_entity_poly.pdbx_seq_one_letter_code
;MGSSHHHHHHSSGLVPRGSHMGKRIGLFGGTFDPVHIGHMRSAVEMAEQFALDELRLLPNARPPHRETPQVSAAQRLAMV
ERAVAGVERLTVDPRELQRDKPSYTIDTLESVRAELAADDQLFMLIGWDAFCGLPTWHRWEALLDHCHIVVLQRPDADSE
PPESLRDLLAARSVADPQALKGPGGQITFVWQTPLAVSATQIRALLGAGRSVRFLVPDAVLNYIEAHHLYRAPHLEHHHH
HH
;
_entity_poly.pdbx_strand_id   A,B
#
# COMPACT_ATOMS: atom_id res chain seq x y z
N GLY A 22 20.32 -2.79 4.43
CA GLY A 22 21.56 -2.93 3.66
C GLY A 22 22.15 -1.57 3.36
N LYS A 23 22.10 -1.16 2.10
CA LYS A 23 22.45 0.21 1.74
C LYS A 23 21.21 0.96 1.24
N ARG A 24 21.18 2.27 1.46
CA ARG A 24 20.11 3.12 0.91
C ARG A 24 20.63 3.80 -0.37
N ILE A 25 20.10 3.29 -1.48
CA ILE A 25 20.49 3.62 -2.83
C ILE A 25 19.34 4.22 -3.64
N GLY A 26 19.64 5.37 -4.24
CA GLY A 26 18.64 6.09 -4.99
C GLY A 26 18.93 5.91 -6.47
N LEU A 27 17.92 6.19 -7.27
CA LEU A 27 18.08 6.18 -8.72
C LEU A 27 17.33 7.38 -9.27
N PHE A 28 18.04 8.26 -9.95
CA PHE A 28 17.45 9.47 -10.52
C PHE A 28 17.74 9.49 -12.02
N GLY A 29 16.71 9.08 -12.77
CA GLY A 29 16.76 9.08 -14.21
C GLY A 29 16.36 10.39 -14.85
N GLY A 30 17.09 10.82 -15.87
CA GLY A 30 16.69 11.95 -16.72
C GLY A 30 17.45 11.93 -18.03
N THR A 31 16.95 12.63 -19.05
CA THR A 31 17.77 12.78 -20.24
C THR A 31 19.02 13.62 -19.97
N PHE A 32 18.94 14.64 -19.13
CA PHE A 32 20.01 15.52 -18.71
C PHE A 32 20.71 16.16 -19.92
N ASP A 33 20.09 17.05 -20.67
CA ASP A 33 20.61 17.60 -21.92
C ASP A 33 20.64 19.12 -21.95
N PRO A 34 21.46 19.75 -21.12
CA PRO A 34 22.39 19.11 -20.21
C PRO A 34 21.94 19.06 -18.76
N VAL A 35 22.73 18.37 -17.94
CA VAL A 35 22.53 18.35 -16.49
C VAL A 35 22.69 19.76 -15.95
N HIS A 36 21.85 20.20 -15.02
CA HIS A 36 21.90 21.60 -14.56
C HIS A 36 21.67 21.68 -13.06
N ILE A 37 21.58 22.90 -12.51
CA ILE A 37 21.51 22.93 -11.04
C ILE A 37 20.15 22.45 -10.54
N GLY A 38 19.11 22.58 -11.36
CA GLY A 38 17.81 22.10 -10.90
C GLY A 38 17.88 20.61 -10.62
N HIS A 39 18.42 19.83 -11.56
CA HIS A 39 18.62 18.41 -11.31
C HIS A 39 19.52 18.16 -10.09
N MET A 40 20.68 18.80 -10.12
CA MET A 40 21.66 18.54 -9.07
C MET A 40 21.10 18.99 -7.73
N ARG A 41 20.46 20.17 -7.71
CA ARG A 41 19.92 20.55 -6.39
C ARG A 41 18.79 19.62 -5.99
N SER A 42 18.01 19.06 -6.93
CA SER A 42 17.00 18.08 -6.48
C SER A 42 17.68 16.80 -6.02
N ALA A 43 18.78 16.44 -6.69
CA ALA A 43 19.51 15.24 -6.26
C ALA A 43 19.91 15.39 -4.79
N VAL A 44 20.61 16.51 -4.54
CA VAL A 44 21.09 16.82 -3.20
C VAL A 44 19.97 16.60 -2.19
N GLU A 45 18.89 17.35 -2.32
CA GLU A 45 17.75 17.19 -1.43
C GLU A 45 17.24 15.75 -1.36
N MET A 46 17.05 15.01 -2.44
CA MET A 46 16.55 13.64 -2.37
C MET A 46 17.38 12.80 -1.41
N ALA A 47 18.70 12.92 -1.57
CA ALA A 47 19.61 12.13 -0.76
C ALA A 47 19.47 12.44 0.72
N GLU A 48 19.60 13.72 1.07
CA GLU A 48 19.53 14.18 2.45
C GLU A 48 18.20 13.75 3.08
N GLN A 49 17.14 13.81 2.27
CA GLN A 49 15.87 13.36 2.84
C GLN A 49 15.93 11.85 3.10
N PHE A 50 16.45 11.07 2.15
CA PHE A 50 16.34 9.63 2.44
C PHE A 50 17.60 9.06 3.05
N ALA A 51 18.59 9.89 3.38
CA ALA A 51 19.79 9.34 4.00
C ALA A 51 20.42 8.28 3.10
N LEU A 52 20.27 8.49 1.79
CA LEU A 52 20.85 7.57 0.83
C LEU A 52 22.35 7.42 1.13
N ASP A 53 22.83 6.20 1.08
CA ASP A 53 24.26 5.93 1.00
C ASP A 53 24.77 6.55 -0.29
N GLU A 54 23.92 6.39 -1.30
CA GLU A 54 24.28 6.78 -2.67
C GLU A 54 23.08 7.12 -3.53
N LEU A 55 23.19 8.25 -4.23
CA LEU A 55 22.20 8.62 -5.25
C LEU A 55 22.90 8.51 -6.62
N ARG A 56 22.26 7.72 -7.47
CA ARG A 56 22.72 7.42 -8.81
C ARG A 56 21.94 8.18 -9.87
N LEU A 57 22.64 9.11 -10.52
CA LEU A 57 22.07 9.73 -11.71
C LEU A 57 22.16 8.70 -12.84
N LEU A 58 21.06 8.55 -13.58
CA LEU A 58 20.99 7.53 -14.63
C LEU A 58 20.63 8.14 -15.97
N PRO A 59 21.59 8.62 -16.75
CA PRO A 59 21.19 9.25 -18.03
C PRO A 59 20.50 8.20 -18.87
N ASN A 60 19.31 8.51 -19.37
CA ASN A 60 18.68 7.48 -20.21
C ASN A 60 19.29 7.48 -21.62
N ALA A 61 19.26 6.34 -22.26
CA ALA A 61 19.61 6.17 -23.67
C ALA A 61 18.43 6.50 -24.55
N ARG A 62 18.65 7.08 -25.72
CA ARG A 62 17.58 7.39 -26.64
C ARG A 62 18.10 7.30 -28.08
N PRO A 63 17.18 7.17 -29.04
CA PRO A 63 17.58 7.08 -30.44
C PRO A 63 18.50 8.25 -30.77
N PRO A 64 19.53 7.92 -31.54
CA PRO A 64 20.49 8.91 -32.01
C PRO A 64 19.82 10.19 -32.53
N HIS A 65 18.67 10.02 -33.19
CA HIS A 65 18.01 11.15 -33.86
C HIS A 65 17.18 11.98 -32.88
N ARG A 66 17.11 11.57 -31.62
CA ARG A 66 16.42 12.36 -30.60
C ARG A 66 17.45 13.02 -29.67
N GLU A 67 18.74 12.91 -30.01
CA GLU A 67 19.72 13.68 -29.26
C GLU A 67 19.76 15.11 -29.80
N THR A 68 20.23 16.05 -28.98
CA THR A 68 20.51 17.39 -29.51
C THR A 68 21.59 17.22 -30.56
N PRO A 69 21.41 17.81 -31.73
CA PRO A 69 22.46 17.75 -32.74
C PRO A 69 23.78 18.23 -32.14
N GLN A 70 24.84 17.47 -32.41
CA GLN A 70 26.15 17.80 -31.87
C GLN A 70 26.23 17.75 -30.35
N VAL A 71 25.36 16.99 -29.69
CA VAL A 71 25.49 16.60 -28.30
C VAL A 71 25.08 15.12 -28.21
N SER A 72 26.08 14.27 -28.07
CA SER A 72 25.97 12.82 -28.09
C SER A 72 25.59 12.28 -26.72
N ALA A 73 25.23 11.01 -26.66
CA ALA A 73 24.88 10.32 -25.43
C ALA A 73 26.06 10.39 -24.46
N ALA A 74 27.22 10.10 -25.03
CA ALA A 74 28.44 10.05 -24.26
C ALA A 74 28.85 11.42 -23.78
N GLN A 75 28.40 12.49 -24.45
CA GLN A 75 28.71 13.81 -23.87
C GLN A 75 27.74 14.16 -22.75
N ARG A 76 26.47 13.75 -22.96
CA ARG A 76 25.50 13.89 -21.86
C ARG A 76 26.08 13.18 -20.64
N LEU A 77 26.63 11.99 -20.90
CA LEU A 77 27.14 11.21 -19.78
C LEU A 77 28.35 11.85 -19.09
N ALA A 78 29.28 12.43 -19.83
CA ALA A 78 30.43 13.15 -19.30
C ALA A 78 30.00 14.34 -18.44
N MET A 79 29.03 15.12 -18.93
CA MET A 79 28.60 16.24 -18.09
C MET A 79 28.02 15.72 -16.78
N VAL A 80 27.32 14.57 -16.83
CA VAL A 80 26.72 14.09 -15.58
C VAL A 80 27.87 13.69 -14.66
N GLU A 81 28.93 13.15 -15.27
CA GLU A 81 30.12 12.79 -14.49
C GLU A 81 30.87 13.99 -13.91
N ARG A 82 31.01 15.06 -14.70
CA ARG A 82 31.62 16.30 -14.27
C ARG A 82 30.85 16.90 -13.10
N ALA A 83 29.53 16.78 -13.18
CA ALA A 83 28.63 17.31 -12.17
C ALA A 83 28.70 16.58 -10.83
N VAL A 84 28.96 15.27 -10.82
CA VAL A 84 28.99 14.59 -9.52
C VAL A 84 30.42 14.31 -9.07
N ALA A 85 31.39 14.66 -9.91
CA ALA A 85 32.78 14.43 -9.48
C ALA A 85 33.11 15.35 -8.30
N GLY A 86 33.54 14.75 -7.22
CA GLY A 86 33.91 15.37 -5.97
C GLY A 86 32.71 15.55 -5.06
N VAL A 87 31.58 15.06 -5.56
CA VAL A 87 30.35 15.13 -4.78
C VAL A 87 30.11 13.73 -4.18
N GLU A 88 30.24 13.74 -2.87
CA GLU A 88 29.97 12.66 -1.95
C GLU A 88 28.57 12.09 -2.17
N ARG A 89 28.55 10.79 -2.40
CA ARG A 89 27.28 10.07 -2.40
C ARG A 89 26.46 10.41 -3.63
N LEU A 90 27.04 11.15 -4.59
CA LEU A 90 26.33 11.23 -5.86
C LEU A 90 27.26 10.64 -6.92
N THR A 91 26.74 9.61 -7.58
CA THR A 91 27.51 8.89 -8.60
C THR A 91 26.72 8.81 -9.89
N VAL A 92 27.28 8.15 -10.90
CA VAL A 92 26.48 8.08 -12.14
C VAL A 92 26.39 6.62 -12.53
N ASP A 93 25.24 6.16 -13.00
CA ASP A 93 25.05 4.83 -13.54
C ASP A 93 24.90 4.91 -15.05
N PRO A 94 25.92 4.50 -15.78
CA PRO A 94 25.79 4.58 -17.24
C PRO A 94 25.20 3.36 -17.91
N ARG A 95 24.55 2.43 -17.21
CA ARG A 95 24.16 1.19 -17.88
C ARG A 95 23.14 1.34 -18.99
N GLU A 96 22.19 2.28 -18.95
CA GLU A 96 21.33 2.40 -20.13
C GLU A 96 22.19 2.92 -21.28
N LEU A 97 23.14 3.78 -20.91
CA LEU A 97 23.98 4.47 -21.88
C LEU A 97 24.98 3.55 -22.54
N GLN A 98 24.99 2.27 -22.15
CA GLN A 98 25.92 1.32 -22.76
C GLN A 98 25.20 0.10 -23.32
N ARG A 99 23.95 0.28 -23.76
CA ARG A 99 23.27 -0.87 -24.38
C ARG A 99 23.27 -0.70 -25.90
N ASP A 100 22.65 -1.62 -26.63
CA ASP A 100 22.56 -1.62 -28.08
C ASP A 100 21.54 -0.59 -28.58
N LYS A 101 20.62 -0.22 -27.71
CA LYS A 101 19.57 0.78 -27.90
C LYS A 101 18.91 1.04 -26.54
N PRO A 102 17.99 1.99 -26.41
CA PRO A 102 17.26 2.14 -25.15
C PRO A 102 16.61 0.86 -24.63
N SER A 103 16.18 0.96 -23.37
CA SER A 103 15.47 -0.13 -22.71
C SER A 103 14.24 0.38 -22.01
N TYR A 104 13.41 -0.57 -21.56
CA TYR A 104 12.30 -0.18 -20.69
C TYR A 104 12.86 0.01 -19.29
N THR A 105 12.14 0.72 -18.43
CA THR A 105 12.72 0.99 -17.11
C THR A 105 12.82 -0.28 -16.28
N ILE A 106 11.77 -1.09 -16.41
CA ILE A 106 11.75 -2.34 -15.68
C ILE A 106 13.03 -3.15 -15.91
N ASP A 107 13.58 -3.05 -17.13
CA ASP A 107 14.79 -3.79 -17.49
C ASP A 107 16.03 -3.23 -16.79
N THR A 108 16.06 -1.90 -16.72
CA THR A 108 17.10 -1.21 -15.98
C THR A 108 17.06 -1.62 -14.52
N LEU A 109 15.80 -1.72 -14.08
CA LEU A 109 15.57 -1.98 -12.67
C LEU A 109 16.11 -3.34 -12.27
N GLU A 110 15.70 -4.38 -13.03
CA GLU A 110 16.23 -5.70 -12.68
C GLU A 110 17.76 -5.71 -12.76
N SER A 111 18.31 -4.99 -13.72
CA SER A 111 19.77 -5.01 -13.91
C SER A 111 20.47 -4.38 -12.72
N VAL A 112 20.00 -3.20 -12.32
CA VAL A 112 20.42 -2.60 -11.07
C VAL A 112 20.33 -3.59 -9.91
N ARG A 113 19.16 -4.19 -9.77
CA ARG A 113 18.81 -5.02 -8.61
C ARG A 113 19.66 -6.28 -8.59
N ALA A 114 19.97 -6.76 -9.80
CA ALA A 114 20.80 -7.94 -9.95
C ALA A 114 22.14 -7.78 -9.26
N GLU A 115 22.61 -6.55 -9.12
CA GLU A 115 23.90 -6.27 -8.51
C GLU A 115 23.72 -5.80 -7.07
N LEU A 116 22.51 -5.91 -6.54
CA LEU A 116 22.32 -5.38 -5.19
C LEU A 116 22.30 -6.51 -4.16
N ALA A 117 22.41 -6.15 -2.88
CA ALA A 117 22.09 -7.13 -1.85
C ALA A 117 20.57 -7.11 -1.66
N ALA A 118 20.01 -8.23 -1.22
CA ALA A 118 18.54 -8.33 -1.16
C ALA A 118 17.94 -7.46 -0.07
N ASP A 119 18.69 -7.08 0.98
CA ASP A 119 18.13 -6.13 1.92
C ASP A 119 18.41 -4.69 1.52
N ASP A 120 19.16 -4.47 0.43
CA ASP A 120 19.48 -3.07 0.13
C ASP A 120 18.17 -2.41 -0.26
N GLN A 121 17.98 -1.13 0.09
CA GLN A 121 16.70 -0.50 -0.25
C GLN A 121 16.89 0.31 -1.52
N LEU A 122 16.06 0.10 -2.54
CA LEU A 122 16.31 0.91 -3.76
C LEU A 122 15.12 1.86 -3.88
N PHE A 123 15.45 3.11 -4.17
CA PHE A 123 14.55 4.23 -4.32
C PHE A 123 14.70 4.84 -5.71
N MET A 124 13.67 4.71 -6.52
CA MET A 124 13.59 5.36 -7.81
C MET A 124 12.78 6.65 -7.70
N LEU A 125 13.43 7.74 -8.10
CA LEU A 125 12.83 9.04 -7.95
C LEU A 125 12.23 9.48 -9.28
N ILE A 126 10.94 9.77 -9.29
CA ILE A 126 10.25 10.18 -10.49
C ILE A 126 9.42 11.43 -10.22
N GLY A 127 9.14 12.12 -11.32
CA GLY A 127 8.32 13.32 -11.28
C GLY A 127 6.85 12.97 -11.37
N TRP A 128 6.02 13.79 -10.76
CA TRP A 128 4.57 13.66 -10.76
C TRP A 128 4.06 13.42 -12.17
N ASP A 129 4.37 14.32 -13.09
CA ASP A 129 3.93 14.17 -14.48
C ASP A 129 4.43 12.87 -15.07
N ALA A 130 5.59 12.40 -14.61
CA ALA A 130 6.09 11.15 -15.19
C ALA A 130 5.34 9.97 -14.56
N PHE A 131 5.13 10.06 -13.25
CA PHE A 131 4.38 9.05 -12.52
C PHE A 131 2.96 8.91 -13.08
N CYS A 132 2.44 10.06 -13.53
CA CYS A 132 1.07 9.99 -14.04
C CYS A 132 1.00 9.15 -15.29
N GLY A 133 2.09 8.99 -16.04
CA GLY A 133 2.00 8.13 -17.22
C GLY A 133 2.55 6.73 -17.03
N LEU A 134 2.84 6.32 -15.79
CA LEU A 134 3.42 5.04 -15.44
C LEU A 134 2.69 3.84 -16.01
N PRO A 135 1.36 3.73 -16.01
CA PRO A 135 0.71 2.55 -16.61
C PRO A 135 1.07 2.32 -18.07
N THR A 136 1.70 3.25 -18.76
CA THR A 136 2.18 3.05 -20.11
C THR A 136 3.59 2.49 -20.11
N TRP A 137 4.27 2.49 -18.96
CA TRP A 137 5.59 1.87 -19.02
C TRP A 137 5.38 0.35 -19.09
N HIS A 138 6.20 -0.26 -19.95
CA HIS A 138 6.33 -1.68 -20.16
C HIS A 138 6.40 -2.42 -18.83
N ARG A 139 5.38 -3.24 -18.60
CA ARG A 139 5.29 -4.18 -17.49
C ARG A 139 5.24 -3.50 -16.13
N TRP A 140 4.56 -2.37 -16.05
CA TRP A 140 4.70 -1.43 -14.96
C TRP A 140 4.38 -2.05 -13.60
N GLU A 141 3.59 -3.11 -13.67
CA GLU A 141 3.09 -3.82 -12.50
C GLU A 141 4.22 -4.45 -11.68
N ALA A 142 5.38 -4.56 -12.31
CA ALA A 142 6.51 -5.23 -11.68
C ALA A 142 7.56 -4.27 -11.11
N LEU A 143 7.58 -3.01 -11.49
CA LEU A 143 8.59 -2.04 -11.04
C LEU A 143 8.80 -2.07 -9.54
N LEU A 144 7.73 -1.99 -8.74
CA LEU A 144 7.84 -1.99 -7.29
C LEU A 144 8.32 -3.32 -6.73
N ASP A 145 8.41 -4.35 -7.58
CA ASP A 145 9.08 -5.57 -7.19
C ASP A 145 10.51 -5.30 -6.75
N HIS A 146 11.16 -4.36 -7.44
CA HIS A 146 12.58 -4.12 -7.26
C HIS A 146 12.93 -2.88 -6.48
N CYS A 147 12.02 -1.93 -6.31
CA CYS A 147 12.45 -0.67 -5.70
C CYS A 147 11.29 -0.05 -4.94
N HIS A 148 11.54 1.05 -4.25
CA HIS A 148 10.50 1.98 -3.82
C HIS A 148 10.39 3.06 -4.89
N ILE A 149 9.20 3.57 -5.16
CA ILE A 149 9.10 4.70 -6.08
C ILE A 149 8.80 5.97 -5.26
N VAL A 150 9.62 6.99 -5.32
CA VAL A 150 9.38 8.28 -4.66
C VAL A 150 9.02 9.30 -5.73
N VAL A 151 7.89 9.97 -5.57
CA VAL A 151 7.34 10.86 -6.59
C VAL A 151 7.49 12.33 -6.23
N LEU A 152 8.18 13.04 -7.11
CA LEU A 152 8.40 14.45 -6.81
C LEU A 152 7.10 15.21 -7.03
N GLN A 153 6.61 15.82 -5.95
CA GLN A 153 5.47 16.73 -6.08
C GLN A 153 6.01 18.15 -6.16
N ARG A 154 5.38 19.06 -6.90
CA ARG A 154 5.91 20.42 -6.97
C ARG A 154 4.87 21.38 -7.52
N PRO A 155 5.02 22.67 -7.21
CA PRO A 155 4.05 23.69 -7.59
C PRO A 155 3.52 23.67 -9.01
N ASP A 156 4.07 22.92 -9.95
CA ASP A 156 3.62 23.09 -11.33
C ASP A 156 2.84 21.89 -11.86
N ALA A 157 2.85 20.76 -11.15
CA ALA A 157 2.15 19.58 -11.67
C ALA A 157 0.96 19.22 -10.78
N ASP A 158 -0.22 19.69 -11.17
CA ASP A 158 -1.48 19.52 -10.48
C ASP A 158 -1.70 18.08 -10.04
N SER A 159 -1.65 17.86 -8.72
CA SER A 159 -1.75 16.52 -8.15
C SER A 159 -3.11 15.89 -8.39
N GLU A 160 -3.40 15.60 -9.66
CA GLU A 160 -4.65 14.88 -9.95
C GLU A 160 -4.35 13.56 -10.65
N PRO A 161 -4.20 12.50 -9.86
CA PRO A 161 -3.91 11.17 -10.39
C PRO A 161 -5.03 10.60 -11.26
N PRO A 162 -4.57 10.00 -12.35
CA PRO A 162 -5.46 9.29 -13.27
C PRO A 162 -6.07 8.08 -12.58
N GLU A 163 -7.35 7.85 -12.79
CA GLU A 163 -8.13 6.74 -12.29
C GLU A 163 -7.41 5.40 -12.49
N SER A 164 -6.59 5.30 -13.53
CA SER A 164 -5.81 4.11 -13.79
C SER A 164 -4.78 3.81 -12.70
N LEU A 165 -4.47 4.78 -11.84
CA LEU A 165 -3.51 4.57 -10.76
C LEU A 165 -4.16 4.53 -9.39
N ARG A 166 -5.48 4.46 -9.28
CA ARG A 166 -6.00 4.53 -7.89
C ARG A 166 -5.79 3.19 -7.23
N ASP A 167 -5.93 2.07 -7.96
CA ASP A 167 -5.80 0.84 -7.17
C ASP A 167 -4.35 0.60 -6.76
N LEU A 168 -3.40 1.01 -7.59
CA LEU A 168 -2.00 0.82 -7.24
C LEU A 168 -1.62 1.65 -6.03
N LEU A 169 -1.98 2.94 -6.10
CA LEU A 169 -1.69 3.80 -4.96
C LEU A 169 -2.35 3.29 -3.69
N ALA A 170 -3.48 2.60 -3.88
CA ALA A 170 -4.25 2.09 -2.75
C ALA A 170 -3.55 0.89 -2.13
N ALA A 171 -2.98 0.03 -2.97
CA ALA A 171 -2.30 -1.12 -2.37
C ALA A 171 -0.90 -0.79 -1.90
N ARG A 172 -0.23 0.24 -2.44
CA ARG A 172 1.21 0.32 -2.13
C ARG A 172 1.71 1.69 -1.68
N SER A 173 0.88 2.72 -1.54
CA SER A 173 1.48 4.01 -1.14
C SER A 173 1.49 4.25 0.37
N VAL A 174 2.60 4.77 0.87
CA VAL A 174 2.74 5.25 2.24
C VAL A 174 2.75 6.76 2.30
N ALA A 175 2.02 7.37 3.24
CA ALA A 175 1.98 8.84 3.25
C ALA A 175 3.27 9.40 3.85
N ASP A 176 3.90 8.65 4.73
CA ASP A 176 5.18 9.05 5.36
C ASP A 176 6.37 8.42 4.66
N PRO A 177 7.22 9.19 3.97
CA PRO A 177 8.43 8.67 3.31
C PRO A 177 9.36 7.89 4.25
N GLN A 178 9.42 8.29 5.50
CA GLN A 178 10.21 7.62 6.53
C GLN A 178 9.72 6.20 6.75
N ALA A 179 8.48 5.96 6.35
CA ALA A 179 7.80 4.68 6.53
C ALA A 179 8.04 3.74 5.35
N LEU A 180 8.83 4.17 4.36
CA LEU A 180 9.16 3.20 3.32
C LEU A 180 9.91 2.04 4.00
N LYS A 181 9.60 0.78 3.70
CA LYS A 181 10.17 -0.31 4.51
C LYS A 181 10.62 -1.45 3.65
N GLY A 182 11.75 -2.09 4.01
CA GLY A 182 12.21 -3.15 3.14
C GLY A 182 12.95 -2.62 1.93
N PRO A 183 13.31 -3.50 1.01
CA PRO A 183 14.20 -3.11 -0.09
C PRO A 183 13.42 -2.49 -1.23
N GLY A 184 12.10 -2.67 -1.16
CA GLY A 184 11.20 -2.12 -2.13
C GLY A 184 9.74 -2.44 -1.85
N GLY A 185 8.87 -1.97 -2.73
CA GLY A 185 7.47 -2.35 -2.75
C GLY A 185 6.49 -1.23 -2.53
N GLN A 186 6.96 -0.08 -2.07
CA GLN A 186 5.97 0.98 -1.81
C GLN A 186 6.23 2.25 -2.61
N ILE A 187 5.24 3.14 -2.59
CA ILE A 187 5.19 4.45 -3.21
C ILE A 187 4.96 5.52 -2.15
N THR A 188 5.79 6.55 -2.08
CA THR A 188 5.50 7.71 -1.22
C THR A 188 5.59 8.98 -2.05
N PHE A 189 5.22 10.13 -1.49
CA PHE A 189 5.28 11.34 -2.33
C PHE A 189 6.26 12.30 -1.69
N VAL A 190 7.02 13.08 -2.47
CA VAL A 190 7.82 14.10 -1.76
C VAL A 190 7.63 15.48 -2.39
N TRP A 191 7.80 16.48 -1.54
CA TRP A 191 7.65 17.87 -1.93
C TRP A 191 9.02 18.54 -2.06
N GLN A 192 9.24 19.21 -3.18
CA GLN A 192 10.41 20.03 -3.40
C GLN A 192 10.04 21.30 -4.18
N THR A 193 10.85 22.34 -3.99
CA THR A 193 10.67 23.51 -4.86
C THR A 193 11.87 23.63 -5.79
N PRO A 194 11.81 22.95 -6.92
CA PRO A 194 12.97 22.86 -7.81
C PRO A 194 13.29 24.22 -8.40
N LEU A 195 14.56 24.56 -8.52
CA LEU A 195 14.90 25.85 -9.10
C LEU A 195 14.26 26.02 -10.48
N ALA A 196 13.95 27.27 -10.83
CA ALA A 196 13.36 27.56 -12.13
C ALA A 196 14.47 27.57 -13.17
N VAL A 197 15.07 26.40 -13.34
CA VAL A 197 16.11 26.16 -14.33
C VAL A 197 15.65 25.02 -15.24
N SER A 198 15.80 25.20 -16.54
CA SER A 198 15.28 24.28 -17.55
C SER A 198 16.33 23.89 -18.57
N ALA A 199 16.41 22.62 -19.00
CA ALA A 199 17.47 22.36 -19.98
C ALA A 199 17.09 23.04 -21.29
N THR A 200 15.80 23.20 -21.59
CA THR A 200 15.39 23.85 -22.85
C THR A 200 15.82 25.31 -22.86
N GLN A 201 15.57 26.01 -21.75
CA GLN A 201 16.06 27.39 -21.64
C GLN A 201 17.57 27.42 -21.86
N ILE A 202 18.27 26.43 -21.30
CA ILE A 202 19.73 26.56 -21.30
C ILE A 202 20.22 26.39 -22.73
N ARG A 203 19.57 25.52 -23.51
CA ARG A 203 20.06 25.26 -24.87
C ARG A 203 19.92 26.51 -25.71
N ALA A 204 18.76 27.15 -25.54
CA ALA A 204 18.46 28.34 -26.33
C ALA A 204 19.46 29.44 -25.98
N LEU A 205 19.75 29.60 -24.68
CA LEU A 205 20.74 30.59 -24.28
C LEU A 205 22.07 30.28 -24.96
N LEU A 206 22.41 28.99 -24.95
CA LEU A 206 23.66 28.58 -25.58
C LEU A 206 23.58 28.81 -27.08
N GLY A 207 22.49 28.43 -27.75
CA GLY A 207 22.33 28.71 -29.18
C GLY A 207 22.50 30.20 -29.46
N ALA A 208 21.95 31.04 -28.58
CA ALA A 208 22.03 32.50 -28.67
C ALA A 208 23.39 33.04 -28.26
N GLY A 209 24.32 32.20 -27.88
CA GLY A 209 25.67 32.65 -27.49
C GLY A 209 25.75 33.25 -26.12
N ARG A 210 24.77 32.96 -25.26
CA ARG A 210 24.83 33.61 -23.95
C ARG A 210 25.49 32.71 -22.90
N SER A 211 25.68 33.29 -21.72
CA SER A 211 26.30 32.61 -20.61
C SER A 211 25.31 31.88 -19.71
N VAL A 212 25.49 30.57 -19.61
CA VAL A 212 24.64 29.79 -18.70
C VAL A 212 25.38 29.54 -17.40
N ARG A 213 26.38 30.38 -17.16
CA ARG A 213 27.19 30.24 -15.95
C ARG A 213 26.27 30.32 -14.73
N PHE A 214 26.50 29.52 -13.70
CA PHE A 214 25.62 29.53 -12.54
C PHE A 214 24.23 28.95 -12.81
N LEU A 215 23.84 28.57 -14.03
CA LEU A 215 22.62 27.82 -14.26
C LEU A 215 22.92 26.32 -14.33
N VAL A 216 24.20 25.99 -14.43
CA VAL A 216 24.66 24.61 -14.45
C VAL A 216 25.82 24.53 -13.45
N PRO A 217 26.10 23.37 -12.90
CA PRO A 217 27.29 23.20 -12.07
C PRO A 217 28.51 23.75 -12.79
N ASP A 218 29.50 24.24 -12.05
CA ASP A 218 30.69 24.81 -12.67
C ASP A 218 31.47 23.79 -13.46
N ALA A 219 31.59 22.56 -12.98
CA ALA A 219 32.30 21.60 -13.83
C ALA A 219 31.49 21.32 -15.09
N VAL A 220 30.16 21.37 -15.00
CA VAL A 220 29.39 21.25 -16.26
C VAL A 220 29.64 22.46 -17.15
N LEU A 221 29.56 23.69 -16.65
CA LEU A 221 29.88 24.91 -17.41
C LEU A 221 31.18 24.75 -18.17
N ASN A 222 32.28 24.59 -17.45
CA ASN A 222 33.57 24.30 -18.05
C ASN A 222 33.55 23.22 -19.13
N TYR A 223 32.76 22.16 -19.02
CA TYR A 223 32.74 21.14 -20.09
C TYR A 223 32.04 21.68 -21.32
N ILE A 224 30.92 22.37 -21.08
CA ILE A 224 30.13 22.84 -22.23
C ILE A 224 30.97 23.80 -23.06
N GLU A 225 31.59 24.73 -22.34
CA GLU A 225 32.47 25.74 -22.91
C GLU A 225 33.63 25.10 -23.66
N ALA A 226 34.36 24.25 -22.95
CA ALA A 226 35.55 23.64 -23.50
C ALA A 226 35.23 22.80 -24.73
N HIS A 227 34.02 22.26 -24.81
CA HIS A 227 33.76 21.35 -25.92
C HIS A 227 32.80 21.98 -26.93
N HIS A 228 32.48 23.24 -26.69
CA HIS A 228 31.63 24.02 -27.60
C HIS A 228 30.37 23.25 -27.93
N LEU A 229 29.65 22.87 -26.88
CA LEU A 229 28.43 22.11 -27.04
C LEU A 229 27.23 23.05 -27.03
N TYR A 230 26.15 22.58 -27.64
CA TYR A 230 24.89 23.29 -27.84
C TYR A 230 25.13 24.51 -28.73
N ARG A 231 26.20 24.39 -29.49
CA ARG A 231 26.83 25.14 -30.54
C ARG A 231 27.35 26.49 -30.06
N GLY B 22 -36.47 -3.24 3.64
CA GLY B 22 -35.22 -2.94 4.33
C GLY B 22 -34.13 -3.88 3.86
N LYS B 23 -32.86 -3.60 4.16
CA LYS B 23 -31.87 -4.56 3.66
C LYS B 23 -31.50 -5.57 4.75
N ARG B 24 -30.76 -6.59 4.36
CA ARG B 24 -30.22 -7.57 5.31
C ARG B 24 -28.69 -7.47 5.35
N ILE B 25 -28.24 -6.99 6.51
CA ILE B 25 -26.86 -6.60 6.72
C ILE B 25 -26.11 -7.43 7.76
N GLY B 26 -25.02 -8.06 7.31
CA GLY B 26 -24.18 -8.79 8.23
C GLY B 26 -23.10 -7.93 8.87
N LEU B 27 -22.74 -8.28 10.09
CA LEU B 27 -21.58 -7.70 10.77
C LEU B 27 -20.62 -8.85 11.07
N PHE B 28 -19.37 -8.78 10.62
CA PHE B 28 -18.41 -9.85 10.85
C PHE B 28 -17.16 -9.34 11.55
N GLY B 29 -17.17 -9.43 12.87
CA GLY B 29 -16.19 -8.87 13.77
C GLY B 29 -14.89 -9.63 13.82
N GLY B 30 -13.80 -8.95 14.21
CA GLY B 30 -12.56 -9.70 14.40
C GLY B 30 -11.34 -8.82 14.49
N THR B 31 -10.21 -9.43 14.82
CA THR B 31 -8.98 -8.66 14.86
C THR B 31 -8.28 -8.62 13.48
N PHE B 32 -8.41 -9.67 12.70
CA PHE B 32 -7.84 -9.83 11.36
C PHE B 32 -6.36 -9.47 11.29
N ASP B 33 -5.50 -10.30 11.87
CA ASP B 33 -4.09 -9.97 12.02
C ASP B 33 -3.17 -11.06 11.52
N PRO B 34 -3.20 -11.36 10.23
CA PRO B 34 -4.07 -10.71 9.27
C PRO B 34 -5.32 -11.52 8.92
N VAL B 35 -6.26 -10.82 8.27
CA VAL B 35 -7.43 -11.44 7.67
C VAL B 35 -6.94 -12.57 6.76
N HIS B 36 -7.55 -13.75 6.86
CA HIS B 36 -6.98 -14.84 6.05
C HIS B 36 -8.10 -15.56 5.31
N ILE B 37 -7.69 -16.56 4.56
CA ILE B 37 -8.58 -17.28 3.65
C ILE B 37 -9.75 -17.90 4.41
N GLY B 38 -9.53 -18.26 5.67
CA GLY B 38 -10.55 -18.85 6.51
C GLY B 38 -11.60 -17.82 6.86
N HIS B 39 -11.19 -16.59 7.17
CA HIS B 39 -12.13 -15.50 7.45
C HIS B 39 -13.01 -15.20 6.25
N MET B 40 -12.36 -15.11 5.09
CA MET B 40 -13.10 -14.65 3.92
C MET B 40 -14.11 -15.66 3.44
N ARG B 41 -13.70 -16.94 3.45
CA ARG B 41 -14.62 -17.98 2.99
C ARG B 41 -15.88 -17.96 3.85
N SER B 42 -15.73 -17.81 5.16
CA SER B 42 -16.81 -17.77 6.13
C SER B 42 -17.72 -16.57 5.89
N ALA B 43 -17.15 -15.43 5.51
CA ALA B 43 -17.95 -14.26 5.17
C ALA B 43 -18.75 -14.51 3.89
N VAL B 44 -18.12 -15.14 2.91
CA VAL B 44 -18.87 -15.38 1.68
C VAL B 44 -19.96 -16.43 1.92
N GLU B 45 -19.71 -17.40 2.79
CA GLU B 45 -20.67 -18.48 3.00
C GLU B 45 -21.84 -17.98 3.84
N MET B 46 -21.60 -17.07 4.78
CA MET B 46 -22.68 -16.49 5.56
C MET B 46 -23.47 -15.51 4.71
N ALA B 47 -22.79 -14.69 3.93
CA ALA B 47 -23.51 -13.77 3.05
C ALA B 47 -24.39 -14.56 2.10
N GLU B 48 -23.97 -15.76 1.67
CA GLU B 48 -24.84 -16.57 0.82
C GLU B 48 -25.95 -17.25 1.63
N GLN B 49 -25.56 -17.96 2.69
CA GLN B 49 -26.49 -18.70 3.52
C GLN B 49 -27.69 -17.86 3.94
N PHE B 50 -27.41 -16.65 4.42
CA PHE B 50 -28.45 -15.77 4.91
C PHE B 50 -28.92 -14.80 3.83
N ALA B 51 -28.49 -15.01 2.58
CA ALA B 51 -28.89 -14.09 1.53
C ALA B 51 -28.65 -12.63 1.89
N LEU B 52 -27.50 -12.27 2.44
CA LEU B 52 -27.32 -10.87 2.85
C LEU B 52 -27.23 -9.93 1.65
N ASP B 53 -27.63 -8.68 1.84
CA ASP B 53 -27.38 -7.61 0.88
C ASP B 53 -25.95 -7.11 1.06
N GLU B 54 -25.52 -7.03 2.30
CA GLU B 54 -24.18 -6.56 2.62
C GLU B 54 -23.68 -7.32 3.84
N LEU B 55 -22.42 -7.68 3.87
CA LEU B 55 -21.68 -8.20 5.01
C LEU B 55 -20.50 -7.24 5.23
N ARG B 56 -20.46 -6.61 6.38
CA ARG B 56 -19.38 -5.72 6.76
C ARG B 56 -18.36 -6.44 7.62
N LEU B 57 -17.12 -6.52 7.15
CA LEU B 57 -16.12 -7.08 8.07
C LEU B 57 -15.81 -6.00 9.09
N LEU B 58 -15.70 -6.40 10.36
CA LEU B 58 -15.58 -5.31 11.37
C LEU B 58 -14.26 -5.40 12.11
N PRO B 59 -13.21 -4.70 11.68
CA PRO B 59 -11.93 -4.82 12.39
C PRO B 59 -12.05 -4.36 13.84
N ASN B 60 -11.54 -5.19 14.76
CA ASN B 60 -11.73 -4.89 16.17
C ASN B 60 -10.70 -3.87 16.64
N ALA B 61 -11.07 -2.98 17.56
CA ALA B 61 -10.05 -2.12 18.14
C ALA B 61 -9.52 -2.80 19.41
N ARG B 62 -8.25 -2.56 19.65
CA ARG B 62 -7.57 -2.99 20.87
C ARG B 62 -6.48 -1.96 21.21
N PRO B 63 -5.91 -2.02 22.40
CA PRO B 63 -4.88 -1.03 22.76
C PRO B 63 -3.69 -1.20 21.84
N PRO B 64 -2.97 -0.14 21.56
CA PRO B 64 -1.79 -0.27 20.69
C PRO B 64 -0.75 -1.25 21.18
N HIS B 65 -0.50 -1.42 22.47
CA HIS B 65 0.52 -2.41 22.86
C HIS B 65 0.05 -3.84 22.65
N ARG B 66 -1.22 -4.01 22.27
CA ARG B 66 -1.67 -5.34 21.88
C ARG B 66 -1.58 -5.51 20.37
N GLU B 67 -1.26 -4.43 19.63
CA GLU B 67 -1.15 -4.67 18.19
C GLU B 67 0.06 -5.56 17.97
N THR B 68 0.06 -6.29 16.86
CA THR B 68 1.31 -6.97 16.50
C THR B 68 2.36 -5.91 16.20
N PRO B 69 3.57 -6.07 16.73
CA PRO B 69 4.62 -5.07 16.49
C PRO B 69 4.84 -4.80 15.00
N GLN B 70 4.80 -3.52 14.66
CA GLN B 70 4.99 -2.97 13.33
C GLN B 70 3.85 -3.40 12.40
N VAL B 71 2.79 -3.98 12.98
CA VAL B 71 1.55 -4.04 12.22
C VAL B 71 0.47 -3.26 12.99
N SER B 72 0.18 -2.08 12.45
CA SER B 72 -0.71 -1.07 12.97
C SER B 72 -2.17 -1.38 12.63
N ALA B 73 -3.06 -0.93 13.49
CA ALA B 73 -4.50 -1.04 13.28
C ALA B 73 -4.85 -0.64 11.85
N ALA B 74 -4.23 0.48 11.47
CA ALA B 74 -4.41 1.00 10.13
C ALA B 74 -4.10 -0.08 9.10
N GLN B 75 -3.00 -0.79 9.38
CA GLN B 75 -2.55 -1.78 8.39
C GLN B 75 -3.48 -2.98 8.40
N ARG B 76 -4.00 -3.35 9.57
CA ARG B 76 -5.04 -4.36 9.66
C ARG B 76 -6.28 -3.94 8.85
N LEU B 77 -6.69 -2.67 8.97
CA LEU B 77 -7.82 -2.21 8.16
C LEU B 77 -7.45 -2.21 6.68
N ALA B 78 -6.22 -1.79 6.36
CA ALA B 78 -5.80 -1.83 4.96
C ALA B 78 -5.88 -3.24 4.39
N MET B 79 -5.44 -4.25 5.15
CA MET B 79 -5.50 -5.59 4.55
C MET B 79 -6.95 -6.02 4.36
N VAL B 80 -7.85 -5.64 5.28
CA VAL B 80 -9.21 -6.10 5.08
C VAL B 80 -9.87 -5.31 3.96
N GLU B 81 -9.47 -4.05 3.81
CA GLU B 81 -10.06 -3.32 2.66
C GLU B 81 -9.56 -4.02 1.39
N ARG B 82 -8.32 -4.53 1.41
CA ARG B 82 -7.82 -5.25 0.24
C ARG B 82 -8.59 -6.54 -0.04
N ALA B 83 -8.90 -7.28 1.02
CA ALA B 83 -9.63 -8.54 0.99
C ALA B 83 -10.97 -8.46 0.27
N VAL B 84 -11.58 -7.30 0.47
CA VAL B 84 -12.96 -7.08 0.05
C VAL B 84 -13.02 -6.24 -1.21
N ALA B 85 -11.88 -5.73 -1.65
CA ALA B 85 -11.91 -4.87 -2.85
C ALA B 85 -12.51 -5.65 -4.00
N GLY B 86 -13.45 -5.01 -4.69
CA GLY B 86 -14.15 -5.57 -5.82
C GLY B 86 -14.70 -6.96 -5.60
N VAL B 87 -15.21 -7.27 -4.42
CA VAL B 87 -15.86 -8.57 -4.21
C VAL B 87 -17.36 -8.34 -3.96
N GLU B 88 -18.14 -9.40 -4.08
CA GLU B 88 -19.53 -9.65 -3.83
C GLU B 88 -19.98 -9.45 -2.38
N ARG B 89 -20.90 -8.53 -2.20
CA ARG B 89 -21.64 -8.19 -1.00
C ARG B 89 -20.75 -7.82 0.18
N LEU B 90 -19.43 -7.77 0.05
CA LEU B 90 -18.54 -7.61 1.20
C LEU B 90 -18.02 -6.19 1.36
N THR B 91 -18.02 -5.68 2.59
CA THR B 91 -17.45 -4.35 2.87
C THR B 91 -16.70 -4.40 4.20
N VAL B 92 -16.15 -3.25 4.57
CA VAL B 92 -15.42 -3.02 5.80
C VAL B 92 -16.09 -1.92 6.62
N ASP B 93 -16.17 -2.04 7.93
CA ASP B 93 -16.70 -0.95 8.75
C ASP B 93 -15.63 -0.53 9.75
N PRO B 94 -14.85 0.49 9.44
CA PRO B 94 -13.72 0.84 10.31
C PRO B 94 -14.10 1.57 11.59
N ARG B 95 -15.39 1.80 11.83
CA ARG B 95 -15.84 2.67 12.91
C ARG B 95 -15.17 2.35 14.24
N GLU B 96 -14.79 1.10 14.47
CA GLU B 96 -14.12 0.81 15.75
C GLU B 96 -12.75 1.45 15.80
N LEU B 97 -12.07 1.48 14.66
CA LEU B 97 -10.70 2.01 14.61
C LEU B 97 -10.66 3.53 14.68
N GLN B 98 -11.71 4.13 14.13
CA GLN B 98 -11.82 5.59 14.08
C GLN B 98 -11.99 6.14 15.49
N ARG B 99 -12.43 5.28 16.40
CA ARG B 99 -12.49 5.66 17.82
C ARG B 99 -11.09 6.04 18.27
N ASP B 100 -10.95 6.61 19.46
CA ASP B 100 -9.63 6.84 20.03
C ASP B 100 -9.21 5.67 20.91
N LYS B 101 -10.17 4.82 21.27
CA LYS B 101 -9.93 3.71 22.18
C LYS B 101 -10.62 2.46 21.68
N PRO B 102 -10.38 1.31 22.29
CA PRO B 102 -11.22 0.13 22.02
C PRO B 102 -12.69 0.43 22.29
N SER B 103 -13.59 -0.20 21.55
CA SER B 103 -15.03 0.06 21.59
C SER B 103 -15.84 -1.09 22.18
N TYR B 104 -16.74 -0.78 23.10
CA TYR B 104 -17.64 -1.80 23.61
C TYR B 104 -18.53 -2.31 22.48
N THR B 105 -18.69 -3.62 22.43
CA THR B 105 -19.53 -4.14 21.33
C THR B 105 -20.92 -3.53 21.34
N ILE B 106 -21.53 -3.40 22.53
CA ILE B 106 -22.87 -2.83 22.45
C ILE B 106 -22.85 -1.40 21.93
N ASP B 107 -21.85 -0.56 22.16
CA ASP B 107 -21.82 0.76 21.51
C ASP B 107 -21.72 0.68 20.00
N THR B 108 -20.86 -0.26 19.55
CA THR B 108 -20.69 -0.44 18.11
C THR B 108 -22.03 -0.82 17.48
N LEU B 109 -22.69 -1.78 18.12
CA LEU B 109 -24.02 -2.21 17.67
C LEU B 109 -25.02 -1.07 17.74
N GLU B 110 -24.90 -0.27 18.80
CA GLU B 110 -25.79 0.87 18.99
C GLU B 110 -25.48 1.93 17.94
N SER B 111 -24.21 1.94 17.56
CA SER B 111 -23.74 2.88 16.54
C SER B 111 -24.16 2.47 15.14
N VAL B 112 -24.02 1.20 14.76
CA VAL B 112 -24.38 0.83 13.40
C VAL B 112 -25.88 0.97 13.17
N ARG B 113 -26.61 0.53 14.20
CA ARG B 113 -28.05 0.39 14.07
C ARG B 113 -28.72 1.75 13.89
N ALA B 114 -28.08 2.79 14.44
CA ALA B 114 -28.67 4.13 14.32
C ALA B 114 -28.59 4.61 12.87
N GLU B 115 -27.58 4.12 12.16
CA GLU B 115 -27.41 4.49 10.75
C GLU B 115 -28.40 3.74 9.87
N LEU B 116 -28.85 2.59 10.36
CA LEU B 116 -29.72 1.71 9.60
C LEU B 116 -31.18 2.17 9.65
N ALA B 117 -31.91 1.72 8.62
CA ALA B 117 -33.36 1.95 8.64
C ALA B 117 -33.95 1.21 9.84
N ALA B 118 -35.10 1.67 10.29
CA ALA B 118 -35.83 1.00 11.36
C ALA B 118 -36.07 -0.46 11.01
N ASP B 119 -36.27 -0.68 9.71
CA ASP B 119 -36.61 -2.03 9.28
C ASP B 119 -35.42 -2.78 8.70
N ASP B 120 -34.20 -2.29 8.90
CA ASP B 120 -33.05 -3.08 8.44
C ASP B 120 -32.76 -4.25 9.40
N GLN B 121 -32.45 -5.42 8.86
CA GLN B 121 -32.11 -6.57 9.67
C GLN B 121 -30.59 -6.78 9.72
N LEU B 122 -30.07 -6.77 10.93
CA LEU B 122 -28.67 -6.87 11.27
C LEU B 122 -28.35 -8.22 11.88
N PHE B 123 -27.43 -8.97 11.27
CA PHE B 123 -27.00 -10.25 11.80
C PHE B 123 -25.56 -10.17 12.31
N MET B 124 -25.32 -10.34 13.60
CA MET B 124 -23.96 -10.28 14.16
C MET B 124 -23.35 -11.69 14.24
N LEU B 125 -22.35 -11.94 13.41
CA LEU B 125 -21.77 -13.28 13.32
C LEU B 125 -20.67 -13.44 14.35
N ILE B 126 -20.75 -14.48 15.17
CA ILE B 126 -19.78 -14.72 16.22
C ILE B 126 -19.52 -16.22 16.33
N GLY B 127 -18.34 -16.56 16.81
CA GLY B 127 -17.92 -17.95 16.98
C GLY B 127 -18.55 -18.50 18.25
N TRP B 128 -18.65 -19.81 18.36
CA TRP B 128 -19.22 -20.48 19.52
C TRP B 128 -18.56 -20.01 20.81
N ASP B 129 -17.24 -20.10 20.88
CA ASP B 129 -16.52 -19.77 22.11
C ASP B 129 -16.78 -18.35 22.57
N ALA B 130 -16.67 -17.37 21.70
CA ALA B 130 -16.99 -15.99 22.08
C ALA B 130 -18.41 -15.91 22.63
N PHE B 131 -19.30 -16.66 21.97
CA PHE B 131 -20.70 -16.67 22.34
C PHE B 131 -20.81 -17.06 23.82
N CYS B 132 -20.18 -18.17 24.17
CA CYS B 132 -20.23 -18.71 25.52
C CYS B 132 -19.76 -17.73 26.59
N GLY B 133 -19.05 -16.68 26.20
CA GLY B 133 -18.69 -15.67 27.19
C GLY B 133 -19.66 -14.50 27.08
N LEU B 134 -20.75 -14.70 26.33
CA LEU B 134 -21.71 -13.62 26.13
C LEU B 134 -22.15 -12.96 27.44
N PRO B 135 -22.45 -13.65 28.52
CA PRO B 135 -22.88 -12.91 29.73
C PRO B 135 -21.78 -12.04 30.31
N THR B 136 -20.55 -12.14 29.83
CA THR B 136 -19.54 -11.23 30.36
C THR B 136 -19.45 -9.95 29.56
N TRP B 137 -20.09 -9.79 28.40
CA TRP B 137 -19.91 -8.52 27.68
C TRP B 137 -20.73 -7.40 28.32
N HIS B 138 -20.31 -6.18 27.97
CA HIS B 138 -20.92 -4.98 28.54
C HIS B 138 -22.36 -4.87 28.04
N ARG B 139 -23.30 -4.74 28.96
CA ARG B 139 -24.73 -4.71 28.67
C ARG B 139 -25.07 -5.87 27.72
N TRP B 140 -24.44 -7.01 27.95
CA TRP B 140 -24.59 -8.19 27.12
C TRP B 140 -26.04 -8.55 26.90
N GLU B 141 -26.92 -8.23 27.86
CA GLU B 141 -28.32 -8.58 27.60
C GLU B 141 -28.90 -7.64 26.55
N ALA B 142 -28.29 -6.47 26.41
CA ALA B 142 -28.73 -5.39 25.52
C ALA B 142 -28.44 -5.62 24.04
N LEU B 143 -27.58 -6.57 23.71
CA LEU B 143 -27.17 -6.83 22.33
C LEU B 143 -28.32 -7.14 21.37
N LEU B 144 -29.22 -8.03 21.79
CA LEU B 144 -30.29 -8.55 20.96
C LEU B 144 -31.34 -7.48 20.70
N ASP B 145 -31.19 -6.33 21.32
CA ASP B 145 -32.04 -5.19 21.04
C ASP B 145 -31.82 -4.63 19.63
N HIS B 146 -30.72 -4.94 18.99
CA HIS B 146 -30.29 -4.28 17.78
C HIS B 146 -30.00 -5.23 16.62
N CYS B 147 -30.19 -6.52 16.82
CA CYS B 147 -29.70 -7.50 15.87
C CYS B 147 -30.09 -8.91 16.28
N HIS B 148 -30.06 -9.79 15.27
CA HIS B 148 -30.02 -11.22 15.53
C HIS B 148 -28.56 -11.62 15.78
N ILE B 149 -28.34 -12.59 16.65
CA ILE B 149 -26.95 -13.04 16.81
C ILE B 149 -26.79 -14.35 16.07
N VAL B 150 -25.91 -14.35 15.08
CA VAL B 150 -25.61 -15.61 14.40
C VAL B 150 -24.44 -16.30 15.09
N VAL B 151 -24.68 -17.41 15.78
CA VAL B 151 -23.59 -18.13 16.42
C VAL B 151 -23.02 -19.25 15.55
N LEU B 152 -21.72 -19.23 15.36
CA LEU B 152 -21.14 -20.10 14.34
C LEU B 152 -20.52 -21.34 14.98
N GLN B 153 -21.09 -22.50 14.70
CA GLN B 153 -20.59 -23.78 15.20
C GLN B 153 -19.82 -24.53 14.11
N ARG B 154 -18.70 -25.08 14.57
CA ARG B 154 -17.63 -25.68 13.80
C ARG B 154 -17.09 -26.93 14.49
N PRO B 155 -16.34 -27.74 13.76
CA PRO B 155 -15.72 -28.91 14.40
C PRO B 155 -14.96 -28.59 15.67
N ASP B 156 -14.36 -27.40 15.81
CA ASP B 156 -13.63 -27.17 17.05
C ASP B 156 -14.44 -26.41 18.09
N ALA B 157 -15.65 -26.87 18.41
CA ALA B 157 -16.48 -26.21 19.41
C ALA B 157 -17.03 -27.21 20.42
N ASP B 158 -18.19 -26.89 20.99
CA ASP B 158 -18.86 -27.66 22.03
C ASP B 158 -20.26 -27.12 22.29
N SER B 159 -21.31 -27.60 21.62
CA SER B 159 -22.61 -26.94 21.69
C SER B 159 -23.33 -27.07 23.03
N GLU B 160 -22.61 -26.99 24.13
CA GLU B 160 -23.19 -26.97 25.47
C GLU B 160 -22.82 -25.67 26.18
N PRO B 161 -23.74 -24.72 26.13
CA PRO B 161 -23.53 -23.41 26.78
C PRO B 161 -23.56 -23.50 28.30
N PRO B 162 -23.13 -22.43 28.96
CA PRO B 162 -23.24 -22.36 30.43
C PRO B 162 -24.68 -22.00 30.78
N GLU B 163 -25.04 -22.34 32.00
CA GLU B 163 -26.31 -22.03 32.63
C GLU B 163 -26.67 -20.56 32.46
N SER B 164 -25.62 -19.74 32.51
CA SER B 164 -25.78 -18.30 32.53
C SER B 164 -26.56 -17.78 31.32
N LEU B 165 -26.53 -18.55 30.25
CA LEU B 165 -27.22 -18.26 29.01
C LEU B 165 -28.48 -19.09 28.82
N ARG B 166 -28.87 -19.91 29.79
CA ARG B 166 -29.98 -20.83 29.59
C ARG B 166 -31.25 -20.13 29.17
N ASP B 167 -31.60 -19.08 29.91
CA ASP B 167 -32.90 -18.48 29.57
C ASP B 167 -32.78 -17.45 28.48
N LEU B 168 -31.64 -16.77 28.29
CA LEU B 168 -31.52 -16.02 27.04
C LEU B 168 -31.74 -16.95 25.85
N LEU B 169 -31.14 -18.15 25.90
CA LEU B 169 -31.41 -19.10 24.84
C LEU B 169 -32.89 -19.45 24.78
N ALA B 170 -33.42 -19.75 25.99
CA ALA B 170 -34.81 -20.17 26.05
C ALA B 170 -35.70 -19.08 25.43
N ALA B 171 -35.35 -17.84 25.77
CA ALA B 171 -36.09 -16.66 25.38
C ALA B 171 -35.95 -16.31 23.90
N ARG B 172 -34.76 -16.53 23.33
CA ARG B 172 -34.38 -15.97 22.05
C ARG B 172 -33.97 -16.91 20.95
N SER B 173 -33.59 -18.16 21.20
CA SER B 173 -33.09 -18.99 20.12
C SER B 173 -34.23 -19.32 19.16
N VAL B 174 -33.89 -19.61 17.92
CA VAL B 174 -34.76 -20.12 16.89
C VAL B 174 -33.96 -21.07 15.98
N ALA B 175 -34.58 -22.18 15.66
CA ALA B 175 -34.07 -23.29 14.89
C ALA B 175 -33.09 -22.84 13.82
N ASP B 176 -33.56 -21.93 12.97
CA ASP B 176 -32.72 -21.59 11.82
C ASP B 176 -32.79 -20.14 11.37
N PRO B 177 -31.75 -19.78 10.62
CA PRO B 177 -31.67 -18.54 9.86
C PRO B 177 -33.01 -18.12 9.27
N GLN B 178 -33.65 -19.02 8.52
CA GLN B 178 -34.97 -18.70 7.98
C GLN B 178 -35.90 -18.22 9.10
N ALA B 179 -35.77 -18.81 10.28
CA ALA B 179 -36.66 -18.47 11.39
C ALA B 179 -36.41 -17.09 11.95
N LEU B 180 -35.37 -16.35 11.54
CA LEU B 180 -35.18 -15.02 12.13
C LEU B 180 -36.12 -14.01 11.49
N LYS B 181 -36.81 -13.22 12.32
CA LYS B 181 -37.82 -12.31 11.79
C LYS B 181 -37.63 -10.91 12.34
N GLY B 182 -37.99 -9.92 11.54
CA GLY B 182 -37.78 -8.53 11.90
C GLY B 182 -36.31 -8.14 12.02
N PRO B 183 -36.16 -6.91 12.50
CA PRO B 183 -34.91 -6.18 12.68
C PRO B 183 -33.78 -6.95 13.34
N GLY B 184 -34.06 -7.46 14.53
CA GLY B 184 -33.20 -8.34 15.29
C GLY B 184 -34.01 -9.04 16.39
N GLY B 185 -33.33 -9.47 17.43
CA GLY B 185 -33.90 -9.99 18.65
C GLY B 185 -33.72 -11.47 18.86
N GLN B 186 -33.29 -12.23 17.87
CA GLN B 186 -33.20 -13.67 17.99
C GLN B 186 -31.78 -14.18 17.74
N ILE B 187 -31.53 -15.34 18.33
CA ILE B 187 -30.24 -15.98 18.22
C ILE B 187 -30.41 -17.26 17.41
N THR B 188 -29.47 -17.59 16.55
CA THR B 188 -29.49 -18.90 15.92
C THR B 188 -28.05 -19.37 15.67
N PHE B 189 -27.94 -20.65 15.34
CA PHE B 189 -26.66 -21.34 15.21
C PHE B 189 -26.56 -21.90 13.81
N VAL B 190 -25.36 -21.81 13.22
CA VAL B 190 -25.27 -22.41 11.89
C VAL B 190 -24.10 -23.38 11.93
N TRP B 191 -23.86 -24.08 10.82
CA TRP B 191 -22.75 -25.02 10.87
C TRP B 191 -21.65 -24.61 9.92
N GLN B 192 -20.43 -24.39 10.39
CA GLN B 192 -19.36 -24.24 9.39
C GLN B 192 -18.29 -25.29 9.69
N THR B 193 -17.61 -25.65 8.62
CA THR B 193 -16.47 -26.56 8.55
C THR B 193 -15.36 -25.77 7.88
N PRO B 194 -14.57 -25.14 8.76
CA PRO B 194 -13.57 -24.18 8.32
C PRO B 194 -12.35 -24.81 7.65
N LEU B 195 -11.81 -23.98 6.76
CA LEU B 195 -10.49 -24.10 6.22
C LEU B 195 -9.55 -24.01 7.43
N ALA B 196 -8.71 -25.01 7.61
CA ALA B 196 -7.84 -25.05 8.78
C ALA B 196 -6.72 -24.03 8.61
N VAL B 197 -7.04 -22.76 8.88
CA VAL B 197 -6.02 -21.74 8.79
C VAL B 197 -6.17 -20.79 9.98
N SER B 198 -5.05 -20.33 10.53
CA SER B 198 -5.17 -19.33 11.61
C SER B 198 -4.27 -18.14 11.35
N ALA B 199 -4.59 -16.96 11.91
CA ALA B 199 -3.72 -15.79 11.79
C ALA B 199 -2.38 -16.01 12.51
N THR B 200 -2.49 -16.61 13.69
CA THR B 200 -1.32 -16.98 14.46
C THR B 200 -0.30 -17.76 13.67
N GLN B 201 -0.79 -18.70 12.87
CA GLN B 201 0.12 -19.58 12.12
C GLN B 201 0.66 -18.84 10.89
N ILE B 202 -0.15 -17.98 10.28
CA ILE B 202 0.33 -17.15 9.17
C ILE B 202 1.40 -16.19 9.68
N ARG B 203 1.15 -15.60 10.86
CA ARG B 203 2.19 -14.73 11.39
C ARG B 203 3.47 -15.53 11.61
N ALA B 204 3.35 -16.79 12.06
CA ALA B 204 4.51 -17.64 12.31
C ALA B 204 5.30 -17.94 11.03
N LEU B 205 4.61 -18.18 9.93
CA LEU B 205 5.21 -18.48 8.64
C LEU B 205 5.98 -17.28 8.09
N LEU B 206 5.33 -16.12 8.04
CA LEU B 206 5.99 -14.89 7.64
C LEU B 206 7.18 -14.58 8.54
N GLY B 207 7.09 -14.96 9.81
CA GLY B 207 8.21 -14.71 10.72
C GLY B 207 9.45 -15.45 10.23
N ALA B 208 9.25 -16.60 9.58
CA ALA B 208 10.35 -17.42 9.07
C ALA B 208 10.68 -17.11 7.61
N GLY B 209 10.06 -16.08 7.03
CA GLY B 209 10.47 -15.74 5.66
C GLY B 209 9.95 -16.72 4.65
N ARG B 210 8.90 -17.43 5.04
CA ARG B 210 8.21 -18.39 4.20
C ARG B 210 6.91 -17.81 3.66
N SER B 211 6.42 -18.44 2.62
CA SER B 211 5.26 -18.02 1.86
C SER B 211 3.94 -18.36 2.53
N VAL B 212 3.03 -17.37 2.53
CA VAL B 212 1.67 -17.60 2.97
C VAL B 212 0.70 -17.44 1.79
N ARG B 213 1.25 -17.44 0.58
CA ARG B 213 0.42 -17.53 -0.62
C ARG B 213 -0.57 -18.69 -0.44
N PHE B 214 -1.78 -18.47 -0.91
CA PHE B 214 -2.90 -19.39 -0.86
C PHE B 214 -3.39 -19.65 0.56
N LEU B 215 -2.98 -18.81 1.50
CA LEU B 215 -3.51 -18.85 2.86
C LEU B 215 -4.34 -17.60 3.13
N VAL B 216 -4.15 -16.60 2.28
CA VAL B 216 -4.76 -15.29 2.43
C VAL B 216 -5.24 -14.88 1.06
N PRO B 217 -6.13 -13.92 0.90
CA PRO B 217 -6.48 -13.58 -0.49
C PRO B 217 -5.22 -13.01 -1.12
N ASP B 218 -5.11 -13.17 -2.43
CA ASP B 218 -3.96 -12.76 -3.19
C ASP B 218 -3.69 -11.27 -2.94
N ALA B 219 -4.79 -10.53 -2.74
CA ALA B 219 -4.64 -9.09 -2.55
C ALA B 219 -3.93 -8.79 -1.22
N VAL B 220 -4.23 -9.59 -0.22
CA VAL B 220 -3.69 -9.47 1.13
C VAL B 220 -2.23 -9.93 1.19
N LEU B 221 -1.86 -10.98 0.46
CA LEU B 221 -0.49 -11.40 0.24
C LEU B 221 0.42 -10.30 -0.29
N ASN B 222 -0.14 -9.62 -1.27
CA ASN B 222 0.55 -8.57 -2.01
C ASN B 222 0.84 -7.35 -1.13
N TYR B 223 -0.18 -6.93 -0.41
CA TYR B 223 -0.07 -5.91 0.62
C TYR B 223 0.98 -6.28 1.67
N ILE B 224 0.93 -7.52 2.16
CA ILE B 224 1.85 -8.00 3.17
C ILE B 224 3.28 -8.04 2.65
N GLU B 225 3.43 -8.51 1.41
CA GLU B 225 4.80 -8.53 0.87
C GLU B 225 5.18 -7.13 0.42
N ALA B 226 4.23 -6.35 -0.12
CA ALA B 226 4.58 -4.99 -0.53
C ALA B 226 5.04 -4.16 0.67
N HIS B 227 4.31 -4.19 1.78
CA HIS B 227 4.68 -3.38 2.94
C HIS B 227 5.59 -4.14 3.89
N HIS B 228 6.08 -5.32 3.53
CA HIS B 228 7.06 -5.98 4.40
C HIS B 228 6.51 -6.41 5.76
N LEU B 229 5.24 -6.72 5.91
CA LEU B 229 4.54 -7.02 7.15
C LEU B 229 4.96 -8.30 7.86
N TYR B 230 4.86 -8.31 9.20
CA TYR B 230 5.04 -9.55 9.92
C TYR B 230 6.48 -10.07 9.83
N ARG B 231 7.39 -9.14 9.93
CA ARG B 231 8.82 -9.11 10.13
C ARG B 231 9.53 -8.82 8.80
#